data_3DY7
#
_entry.id   3DY7
#
_cell.length_a   81.754
_cell.length_b   81.754
_cell.length_c   128.893
_cell.angle_alpha   90.00
_cell.angle_beta   90.00
_cell.angle_gamma   120.00
#
_symmetry.space_group_name_H-M   'P 62'
#
loop_
_entity.id
_entity.type
_entity.pdbx_description
1 polymer 'Dual specificity mitogen-activated protein kinase kinase 1'
2 non-polymer 'MAGNESIUM ION'
3 non-polymer "ADENOSINE-5'-TRIPHOSPHATE"
4 non-polymer (5S)-4,5-difluoro-6-[(2-fluoro-4-iodophenyl)imino]-N-(2-hydroxyethoxy)cyclohexa-1,3-diene-1-carboxamide
#
_entity_poly.entity_id   1
_entity_poly.type   'polypeptide(L)'
_entity_poly.pdbx_seq_one_letter_code
;MELKDDDFEKISELGAGNGGVVFKVSHKPSGLVMARKLIHLEIKPAIRNQIIRELQVLHECNSPYIVGFYGAFYSDGEIS
ICMEHMDGGSLDQVLKKAGRIPEQILGKVSIAVIKGLTYLREKHKIMHRDVKPSNILVNSRGEIKLCDFGVSGQLIDSMA
NSFVGTRSYMSPERLQGTHYSVQSDIWSMGLSLVEMAVGRYPIPPPDAKELELMFGCQVEGDAAETPPRPRTPGRPLSSY
GMDSRPPMAIFELLDYIVNEPPPKLPSGVFSLEFQDFVNKCLIKNPAERADLKQLMVHAFIKRSDAEEVDFAGWLCSTIG
LNQPSTPTHAAGVLEHHHHHH
;
_entity_poly.pdbx_strand_id   A
#
loop_
_chem_comp.id
_chem_comp.type
_chem_comp.name
_chem_comp.formula
1CX non-polymer (5S)-4,5-difluoro-6-[(2-fluoro-4-iodophenyl)imino]-N-(2-hydroxyethoxy)cyclohexa-1,3-diene-1-carboxamide 'C15 H12 F3 I N2 O3'
ATP non-polymer ADENOSINE-5'-TRIPHOSPHATE 'C10 H16 N5 O13 P3'
MG non-polymer 'MAGNESIUM ION' 'Mg 2'
#
# COMPACT_ATOMS: atom_id res chain seq x y z
N GLU A 2 22.96 -12.74 -7.13
CA GLU A 2 22.04 -13.73 -7.78
C GLU A 2 21.19 -13.10 -8.89
N LEU A 3 20.67 -11.89 -8.69
CA LEU A 3 19.89 -11.23 -9.75
C LEU A 3 20.69 -10.15 -10.48
N LYS A 4 20.65 -10.16 -11.82
CA LYS A 4 21.42 -9.22 -12.67
C LYS A 4 20.57 -8.56 -13.76
N ASP A 5 21.03 -7.44 -14.29
CA ASP A 5 20.24 -6.72 -15.28
C ASP A 5 20.15 -7.45 -16.62
N ASP A 6 21.25 -8.04 -17.06
CA ASP A 6 21.31 -8.69 -18.38
C ASP A 6 20.52 -9.99 -18.41
N ASP A 7 20.30 -10.57 -17.23
CA ASP A 7 19.50 -11.78 -17.06
C ASP A 7 17.99 -11.61 -17.15
N PHE A 8 17.51 -10.48 -17.70
CA PHE A 8 16.06 -10.24 -17.73
C PHE A 8 15.55 -9.91 -19.12
N GLU A 9 14.23 -10.01 -19.29
CA GLU A 9 13.62 -9.80 -20.59
C GLU A 9 12.22 -9.19 -20.44
N LYS A 10 12.10 -7.93 -20.83
CA LYS A 10 10.86 -7.18 -20.83
C LYS A 10 9.76 -8.00 -21.50
N ILE A 11 8.61 -8.12 -20.85
CA ILE A 11 7.49 -8.82 -21.45
C ILE A 11 6.36 -7.83 -21.78
N SER A 12 5.93 -7.08 -20.77
CA SER A 12 4.95 -5.99 -20.96
C SER A 12 5.09 -5.00 -19.83
N GLU A 13 4.26 -3.96 -19.84
CA GLU A 13 4.35 -2.94 -18.81
C GLU A 13 3.16 -2.98 -17.89
N LEU A 14 3.40 -3.10 -16.60
CA LEU A 14 2.34 -3.30 -15.62
C LEU A 14 1.65 -2.02 -15.17
N GLY A 15 2.41 -0.93 -15.07
CA GLY A 15 1.83 0.33 -14.64
C GLY A 15 2.95 1.22 -14.18
N ALA A 16 2.62 2.47 -13.82
CA ALA A 16 3.63 3.44 -13.41
C ALA A 16 3.12 4.42 -12.36
N GLY A 17 4.03 4.98 -11.57
CA GLY A 17 3.63 5.96 -10.56
C GLY A 17 4.61 7.12 -10.42
N ASN A 18 4.58 7.76 -9.25
CA ASN A 18 5.55 8.79 -8.90
C ASN A 18 6.92 8.19 -8.56
N GLY A 19 7.74 7.95 -9.58
CA GLY A 19 9.15 7.63 -9.33
C GLY A 19 9.57 6.24 -9.74
N GLY A 20 8.57 5.42 -10.08
CA GLY A 20 8.77 4.03 -10.41
C GLY A 20 7.97 3.58 -11.62
N VAL A 21 8.57 2.70 -12.41
CA VAL A 21 7.87 2.03 -13.49
C VAL A 21 7.98 0.52 -13.22
N VAL A 22 6.92 -0.23 -13.51
CA VAL A 22 6.97 -1.66 -13.25
C VAL A 22 6.62 -2.50 -14.45
N PHE A 23 7.50 -3.47 -14.71
CA PHE A 23 7.33 -4.37 -15.84
C PHE A 23 7.06 -5.82 -15.41
N LYS A 24 6.19 -6.47 -16.18
CA LYS A 24 6.07 -7.91 -16.20
C LYS A 24 7.29 -8.37 -16.96
N VAL A 25 8.19 -9.10 -16.29
CA VAL A 25 9.41 -9.58 -16.92
C VAL A 25 9.66 -11.04 -16.67
N SER A 26 10.60 -11.57 -17.44
CA SER A 26 10.97 -12.97 -17.36
C SER A 26 12.43 -13.05 -16.92
N HIS A 27 12.66 -13.84 -15.87
CA HIS A 27 14.01 -14.06 -15.38
C HIS A 27 14.65 -15.29 -16.07
N LYS A 28 15.36 -15.04 -17.16
CA LYS A 28 15.77 -16.10 -18.08
C LYS A 28 16.32 -17.31 -17.37
N PRO A 29 17.35 -17.13 -16.54
CA PRO A 29 17.99 -18.28 -15.89
C PRO A 29 17.02 -19.21 -15.16
N SER A 30 15.85 -18.71 -14.80
CA SER A 30 14.98 -19.44 -13.89
C SER A 30 13.58 -19.73 -14.44
N GLY A 31 13.18 -19.00 -15.49
CA GLY A 31 11.88 -19.17 -16.10
C GLY A 31 10.79 -18.41 -15.37
N LEU A 32 11.08 -17.99 -14.14
CA LEU A 32 10.08 -17.32 -13.31
C LEU A 32 9.60 -16.04 -13.95
N VAL A 33 8.30 -15.85 -13.93
CA VAL A 33 7.75 -14.55 -14.26
C VAL A 33 7.75 -13.67 -13.00
N MET A 34 8.35 -12.50 -13.11
CA MET A 34 8.48 -11.60 -11.96
C MET A 34 7.98 -10.24 -12.32
N ALA A 35 7.78 -9.38 -11.32
CA ALA A 35 7.49 -7.97 -11.57
C ALA A 35 8.73 -7.24 -11.16
N ARG A 36 9.20 -6.36 -12.03
CA ARG A 36 10.41 -5.62 -11.76
C ARG A 36 10.09 -4.13 -11.70
N LYS A 37 10.48 -3.52 -10.58
CA LYS A 37 10.21 -2.10 -10.37
C LYS A 37 11.50 -1.34 -10.49
N LEU A 38 11.55 -0.45 -11.48
CA LEU A 38 12.67 0.46 -11.69
C LEU A 38 12.38 1.76 -10.96
N ILE A 39 13.29 2.15 -10.09
CA ILE A 39 13.21 3.48 -9.49
C ILE A 39 14.40 4.32 -9.93
N HIS A 40 14.13 5.36 -10.71
CA HIS A 40 15.19 6.21 -11.19
C HIS A 40 15.73 7.14 -10.12
N LEU A 41 16.97 6.91 -9.72
CA LEU A 41 17.60 7.70 -8.66
C LEU A 41 18.98 8.17 -9.07
N GLU A 42 19.16 9.50 -9.13
CA GLU A 42 20.46 10.11 -9.37
C GLU A 42 21.23 10.13 -8.07
N ILE A 43 22.00 9.08 -7.81
CA ILE A 43 22.55 8.93 -6.48
C ILE A 43 23.95 8.32 -6.43
N LYS A 44 24.71 8.70 -5.40
CA LYS A 44 26.11 8.30 -5.26
C LYS A 44 26.23 6.83 -4.86
N PRO A 45 27.35 6.21 -5.23
CA PRO A 45 27.66 4.79 -4.96
C PRO A 45 27.47 4.34 -3.50
N ALA A 46 27.75 5.20 -2.54
CA ALA A 46 27.65 4.82 -1.11
C ALA A 46 26.20 4.54 -0.71
N ILE A 47 25.30 5.41 -1.16
CA ILE A 47 23.91 5.31 -0.79
C ILE A 47 23.18 4.30 -1.67
N ARG A 48 23.47 4.34 -2.97
CA ARG A 48 23.02 3.31 -3.89
C ARG A 48 23.28 1.94 -3.28
N ASN A 49 24.39 1.79 -2.57
CA ASN A 49 24.68 0.51 -1.90
C ASN A 49 23.88 0.29 -0.63
N GLN A 50 23.62 1.37 0.10
CA GLN A 50 22.79 1.33 1.30
C GLN A 50 21.42 0.77 1.02
N ILE A 51 20.74 1.40 0.06
CA ILE A 51 19.39 1.05 -0.29
C ILE A 51 19.28 -0.43 -0.62
N ILE A 52 20.20 -0.89 -1.47
CA ILE A 52 20.32 -2.32 -1.77
C ILE A 52 20.51 -3.14 -0.51
N ARG A 53 21.43 -2.72 0.35
CA ARG A 53 21.76 -3.47 1.55
C ARG A 53 20.56 -3.58 2.51
N GLU A 54 19.69 -2.58 2.46
CA GLU A 54 18.55 -2.46 3.36
C GLU A 54 17.36 -3.21 2.78
N LEU A 55 17.41 -3.43 1.48
CA LEU A 55 16.37 -4.16 0.77
C LEU A 55 16.49 -5.67 1.01
N GLN A 56 17.67 -6.12 1.39
CA GLN A 56 17.88 -7.54 1.71
C GLN A 56 16.90 -8.04 2.76
N VAL A 57 16.52 -7.14 3.66
CA VAL A 57 15.57 -7.52 4.69
C VAL A 57 14.33 -8.14 4.05
N LEU A 58 14.01 -7.73 2.84
CA LEU A 58 12.84 -8.25 2.14
C LEU A 58 12.91 -9.76 1.88
N HIS A 59 14.11 -10.34 1.94
CA HIS A 59 14.21 -11.80 1.83
C HIS A 59 13.58 -12.46 3.04
N GLU A 60 13.60 -11.75 4.17
CA GLU A 60 13.04 -12.25 5.42
C GLU A 60 11.55 -11.94 5.57
N CYS A 61 10.97 -11.26 4.59
CA CYS A 61 9.54 -10.93 4.65
C CYS A 61 8.65 -11.96 3.98
N ASN A 62 8.39 -13.05 4.68
CA ASN A 62 7.51 -14.06 4.15
C ASN A 62 6.19 -14.09 4.91
N SER A 63 5.10 -13.89 4.17
CA SER A 63 3.78 -13.92 4.73
C SER A 63 2.87 -14.06 3.54
N PRO A 64 1.70 -14.68 3.72
CA PRO A 64 0.80 -14.77 2.57
C PRO A 64 0.14 -13.42 2.36
N TYR A 65 0.46 -12.47 3.22
CA TYR A 65 -0.13 -11.13 3.14
C TYR A 65 0.87 -10.07 2.68
N ILE A 66 2.09 -10.50 2.37
CA ILE A 66 3.11 -9.66 1.84
C ILE A 66 3.54 -10.19 0.48
N VAL A 67 3.65 -9.31 -0.51
CA VAL A 67 4.15 -9.69 -1.82
C VAL A 67 5.57 -10.24 -1.75
N GLY A 68 5.82 -11.34 -2.46
CA GLY A 68 7.12 -11.98 -2.44
C GLY A 68 8.19 -11.10 -3.03
N PHE A 69 9.43 -11.30 -2.58
CA PHE A 69 10.59 -10.55 -3.02
C PHE A 69 11.64 -11.54 -3.49
N TYR A 70 12.31 -11.24 -4.61
CA TYR A 70 13.38 -12.10 -5.13
C TYR A 70 14.78 -11.51 -4.98
N GLY A 71 14.93 -10.23 -5.32
CA GLY A 71 16.20 -9.54 -5.20
C GLY A 71 16.15 -8.08 -5.59
N ALA A 72 17.22 -7.35 -5.27
CA ALA A 72 17.35 -5.95 -5.64
C ALA A 72 18.79 -5.67 -6.09
N PHE A 73 18.93 -4.84 -7.13
CA PHE A 73 20.24 -4.47 -7.63
C PHE A 73 20.17 -3.11 -8.34
N TYR A 74 21.34 -2.57 -8.69
CA TYR A 74 21.42 -1.28 -9.37
C TYR A 74 21.92 -1.40 -10.83
N SER A 75 21.23 -0.75 -11.75
CA SER A 75 21.62 -0.79 -13.15
C SER A 75 21.34 0.52 -13.89
N ASP A 76 22.41 1.24 -14.17
CA ASP A 76 22.37 2.52 -14.91
C ASP A 76 21.27 3.50 -14.51
N GLY A 77 21.48 4.17 -13.38
CA GLY A 77 20.63 5.29 -12.95
C GLY A 77 19.22 4.88 -12.60
N GLU A 78 19.10 3.68 -12.04
CA GLU A 78 17.80 3.05 -11.87
C GLU A 78 17.93 1.85 -10.96
N ILE A 79 17.30 1.93 -9.80
CA ILE A 79 17.38 0.86 -8.82
C ILE A 79 16.22 -0.10 -9.06
N SER A 80 16.48 -1.39 -8.86
CA SER A 80 15.55 -2.46 -9.26
C SER A 80 15.08 -3.30 -8.09
N ILE A 81 13.77 -3.37 -7.91
CA ILE A 81 13.21 -4.33 -6.95
C ILE A 81 12.36 -5.38 -7.70
N CYS A 82 12.77 -6.63 -7.58
CA CYS A 82 12.10 -7.73 -8.27
C CYS A 82 11.15 -8.49 -7.33
N MET A 83 9.90 -8.68 -7.77
CA MET A 83 8.89 -9.26 -6.90
C MET A 83 7.88 -10.22 -7.58
N GLU A 84 7.09 -10.88 -6.76
CA GLU A 84 6.03 -11.72 -7.25
C GLU A 84 5.17 -10.93 -8.22
N HIS A 85 4.88 -11.50 -9.38
CA HIS A 85 3.93 -10.91 -10.31
C HIS A 85 2.57 -11.35 -9.81
N MET A 86 1.72 -10.38 -9.50
CA MET A 86 0.38 -10.68 -9.07
C MET A 86 -0.47 -10.39 -10.28
N ASP A 87 -1.12 -11.44 -10.80
CA ASP A 87 -1.71 -11.38 -12.13
C ASP A 87 -3.07 -10.74 -12.13
N GLY A 88 -3.49 -10.21 -10.98
CA GLY A 88 -4.79 -9.52 -10.88
C GLY A 88 -4.63 -8.00 -10.76
N GLY A 89 -3.42 -7.56 -10.46
CA GLY A 89 -3.20 -6.13 -10.36
C GLY A 89 -3.57 -5.57 -9.01
N SER A 90 -3.63 -4.25 -8.93
CA SER A 90 -3.80 -3.54 -7.68
C SER A 90 -5.24 -3.14 -7.53
N LEU A 91 -5.66 -2.99 -6.28
CA LEU A 91 -7.07 -2.76 -6.03
C LEU A 91 -7.59 -1.52 -6.77
N ASP A 92 -6.74 -0.51 -6.91
CA ASP A 92 -7.12 0.68 -7.69
C ASP A 92 -7.54 0.31 -9.12
N GLN A 93 -6.83 -0.61 -9.74
CA GLN A 93 -7.21 -1.11 -11.07
C GLN A 93 -8.54 -1.86 -11.02
N VAL A 94 -8.59 -2.85 -10.14
CA VAL A 94 -9.78 -3.65 -9.93
C VAL A 94 -11.02 -2.79 -9.73
N LEU A 95 -10.89 -1.72 -8.95
CA LEU A 95 -11.99 -0.80 -8.70
C LEU A 95 -12.42 -0.10 -9.99
N LYS A 96 -11.46 0.48 -10.70
CA LYS A 96 -11.74 1.15 -11.98
C LYS A 96 -12.60 0.25 -12.85
N LYS A 97 -12.09 -0.94 -13.15
CA LYS A 97 -12.80 -1.89 -14.01
C LYS A 97 -14.03 -2.46 -13.32
N ALA A 98 -14.13 -2.34 -12.00
CA ALA A 98 -15.20 -3.01 -11.25
C ALA A 98 -16.25 -2.09 -10.67
N GLY A 99 -16.16 -0.79 -10.97
CA GLY A 99 -17.12 0.19 -10.46
C GLY A 99 -16.98 0.42 -8.96
N ARG A 100 -17.62 -0.44 -8.17
CA ARG A 100 -17.44 -0.44 -6.71
C ARG A 100 -17.22 -1.87 -6.24
N ILE A 101 -16.43 -2.03 -5.18
CA ILE A 101 -16.16 -3.35 -4.62
C ILE A 101 -17.06 -3.66 -3.42
N PRO A 102 -17.81 -4.76 -3.49
CA PRO A 102 -18.76 -5.27 -2.49
C PRO A 102 -18.24 -5.33 -1.04
N GLU A 103 -19.12 -5.08 -0.09
CA GLU A 103 -18.78 -5.09 1.33
C GLU A 103 -18.13 -6.41 1.76
N GLN A 104 -18.60 -7.50 1.18
CA GLN A 104 -18.12 -8.79 1.60
C GLN A 104 -16.69 -9.00 1.17
N ILE A 105 -16.38 -8.54 -0.03
CA ILE A 105 -15.02 -8.65 -0.53
C ILE A 105 -14.08 -7.70 0.22
N LEU A 106 -14.52 -6.47 0.43
CA LEU A 106 -13.73 -5.53 1.21
C LEU A 106 -13.41 -6.15 2.54
N GLY A 107 -14.21 -7.15 2.91
CA GLY A 107 -14.04 -7.79 4.20
C GLY A 107 -12.84 -8.69 4.12
N LYS A 108 -12.74 -9.44 3.02
CA LYS A 108 -11.58 -10.29 2.83
C LYS A 108 -10.35 -9.40 2.67
N VAL A 109 -10.50 -8.25 1.99
CA VAL A 109 -9.39 -7.32 1.81
C VAL A 109 -8.92 -6.81 3.15
N SER A 110 -9.85 -6.38 4.01
CA SER A 110 -9.47 -5.85 5.31
C SER A 110 -8.69 -6.89 6.12
N ILE A 111 -9.22 -8.12 6.19
CA ILE A 111 -8.51 -9.15 6.91
C ILE A 111 -7.06 -9.17 6.48
N ALA A 112 -6.84 -9.29 5.18
CA ALA A 112 -5.47 -9.33 4.63
C ALA A 112 -4.61 -8.11 5.00
N VAL A 113 -5.17 -6.92 4.84
CA VAL A 113 -4.40 -5.70 5.09
C VAL A 113 -4.02 -5.67 6.56
N ILE A 114 -4.98 -5.89 7.44
CA ILE A 114 -4.60 -5.82 8.85
C ILE A 114 -3.68 -6.96 9.25
N LYS A 115 -3.83 -8.14 8.65
CA LYS A 115 -2.89 -9.24 8.93
C LYS A 115 -1.50 -8.87 8.44
N GLY A 116 -1.47 -8.24 7.25
CA GLY A 116 -0.24 -7.76 6.65
C GLY A 116 0.46 -6.71 7.48
N LEU A 117 -0.30 -5.70 7.92
CA LEU A 117 0.27 -4.67 8.75
C LEU A 117 0.89 -5.25 10.02
N THR A 118 0.15 -6.11 10.71
CA THR A 118 0.60 -6.61 12.00
C THR A 118 1.80 -7.55 11.84
N TYR A 119 1.86 -8.23 10.71
CA TYR A 119 3.05 -9.00 10.45
C TYR A 119 4.28 -8.11 10.30
N LEU A 120 4.19 -7.04 9.50
CA LEU A 120 5.30 -6.11 9.36
C LEU A 120 5.68 -5.47 10.69
N ARG A 121 4.69 -5.28 11.56
CA ARG A 121 4.96 -4.67 12.86
C ARG A 121 5.69 -5.63 13.82
N GLU A 122 5.03 -6.75 14.16
CA GLU A 122 5.61 -7.76 15.06
C GLU A 122 6.94 -8.32 14.62
N LYS A 123 6.99 -8.93 13.44
CA LYS A 123 8.21 -9.60 12.98
C LYS A 123 9.34 -8.69 12.53
N HIS A 124 9.00 -7.51 12.00
CA HIS A 124 10.03 -6.62 11.45
C HIS A 124 10.07 -5.18 11.98
N LYS A 125 9.14 -4.84 12.88
CA LYS A 125 9.14 -3.53 13.52
C LYS A 125 9.15 -2.39 12.51
N ILE A 126 8.33 -2.50 11.46
CA ILE A 126 8.23 -1.39 10.52
C ILE A 126 6.79 -1.06 10.18
N MET A 127 6.47 0.23 10.06
CA MET A 127 5.15 0.62 9.58
C MET A 127 5.14 0.57 8.06
N HIS A 128 3.97 0.60 7.46
CA HIS A 128 3.91 0.44 6.02
C HIS A 128 4.24 1.77 5.32
N ARG A 129 3.58 2.83 5.76
CA ARG A 129 3.86 4.22 5.37
C ARG A 129 3.18 4.66 4.11
N ASP A 130 2.58 3.73 3.38
CA ASP A 130 2.06 3.99 2.04
C ASP A 130 0.95 2.98 1.65
N VAL A 131 -0.07 2.84 2.49
CA VAL A 131 -1.14 1.94 2.15
C VAL A 131 -2.24 2.69 1.43
N LYS A 132 -2.72 2.11 0.33
CA LYS A 132 -3.80 2.67 -0.48
C LYS A 132 -4.09 1.68 -1.59
N PRO A 133 -5.24 1.82 -2.25
CA PRO A 133 -5.66 0.78 -3.19
C PRO A 133 -4.56 0.22 -4.10
N SER A 134 -3.63 1.04 -4.54
CA SER A 134 -2.66 0.60 -5.56
C SER A 134 -1.47 -0.14 -4.97
N ASN A 135 -1.33 -0.11 -3.63
CA ASN A 135 -0.26 -0.86 -2.96
C ASN A 135 -0.74 -2.17 -2.32
N ILE A 136 -1.99 -2.52 -2.63
CA ILE A 136 -2.58 -3.79 -2.24
C ILE A 136 -2.80 -4.57 -3.53
N LEU A 137 -2.05 -5.64 -3.70
CA LEU A 137 -2.14 -6.43 -4.93
C LEU A 137 -2.95 -7.72 -4.72
N VAL A 138 -3.67 -8.13 -5.76
CA VAL A 138 -4.42 -9.38 -5.72
C VAL A 138 -3.96 -10.33 -6.83
N ASN A 139 -4.13 -11.65 -6.61
CA ASN A 139 -3.85 -12.64 -7.66
C ASN A 139 -4.93 -13.69 -7.82
N SER A 140 -4.88 -14.37 -8.96
CA SER A 140 -5.92 -15.34 -9.37
C SER A 140 -6.09 -16.47 -8.39
N ARG A 141 -5.11 -16.70 -7.53
CA ARG A 141 -5.30 -17.69 -6.46
C ARG A 141 -6.07 -17.08 -5.31
N GLY A 142 -6.63 -15.89 -5.51
CA GLY A 142 -7.42 -15.20 -4.49
C GLY A 142 -6.59 -14.65 -3.34
N GLU A 143 -5.30 -14.50 -3.57
CA GLU A 143 -4.44 -13.89 -2.56
C GLU A 143 -4.53 -12.35 -2.60
N ILE A 144 -4.33 -11.72 -1.45
CA ILE A 144 -4.40 -10.27 -1.33
C ILE A 144 -3.23 -9.80 -0.49
N LYS A 145 -2.18 -9.30 -1.16
CA LYS A 145 -0.94 -8.98 -0.48
C LYS A 145 -0.62 -7.50 -0.52
N LEU A 146 0.23 -7.09 0.42
CA LEU A 146 0.68 -5.69 0.55
C LEU A 146 2.05 -5.53 -0.08
N CYS A 147 2.29 -4.42 -0.77
CA CYS A 147 3.67 -4.10 -1.19
C CYS A 147 4.03 -2.63 -0.94
N ASP A 148 5.23 -2.25 -1.38
CA ASP A 148 5.71 -0.85 -1.29
C ASP A 148 5.63 -0.32 0.13
N PHE A 149 6.07 -1.10 1.10
CA PHE A 149 6.12 -0.65 2.49
C PHE A 149 7.55 -0.25 2.82
N GLY A 150 7.72 0.47 3.92
CA GLY A 150 8.97 1.19 4.16
C GLY A 150 10.05 0.41 4.85
N VAL A 151 10.71 -0.47 4.11
CA VAL A 151 11.80 -1.28 4.66
C VAL A 151 13.13 -0.58 4.68
N SER A 152 13.28 0.44 3.84
CA SER A 152 14.58 1.09 3.71
C SER A 152 14.48 2.57 3.98
N GLY A 153 15.00 3.01 5.12
CA GLY A 153 14.93 4.42 5.44
C GLY A 153 15.54 5.25 4.34
N GLN A 154 16.67 4.79 3.84
CA GLN A 154 17.44 5.54 2.87
C GLN A 154 16.69 5.74 1.57
N LEU A 155 15.96 4.71 1.16
CA LEU A 155 15.19 4.81 -0.06
C LEU A 155 14.01 5.75 0.14
N ILE A 156 13.41 5.74 1.33
CA ILE A 156 12.39 6.76 1.59
C ILE A 156 13.00 8.14 1.43
N ASP A 157 14.12 8.39 2.12
CA ASP A 157 14.90 9.62 1.96
C ASP A 157 15.12 9.99 0.49
N SER A 158 15.88 9.17 -0.22
CA SER A 158 16.24 9.51 -1.59
C SER A 158 15.03 9.86 -2.41
N MET A 159 13.87 9.41 -1.96
CA MET A 159 12.65 9.62 -2.72
C MET A 159 11.78 10.73 -2.15
N ALA A 160 12.37 11.54 -1.26
CA ALA A 160 11.70 12.71 -0.71
C ALA A 160 10.78 13.39 -1.73
N ASN A 161 11.15 13.30 -3.02
CA ASN A 161 10.34 13.85 -4.11
C ASN A 161 9.44 12.79 -4.74
N GLY A 165 0.32 13.74 -5.59
CA GLY A 165 -0.28 14.81 -6.42
C GLY A 165 -1.73 15.17 -6.07
N THR A 166 -2.69 14.55 -6.76
CA THR A 166 -4.12 14.80 -6.48
C THR A 166 -4.59 14.23 -5.11
N ARG A 167 -4.83 12.92 -5.06
CA ARG A 167 -5.38 12.26 -3.88
C ARG A 167 -4.33 12.05 -2.81
N SER A 168 -4.73 12.14 -1.56
CA SER A 168 -3.83 11.76 -0.49
C SER A 168 -4.54 10.79 0.44
N TYR A 169 -3.81 9.78 0.88
CA TYR A 169 -4.31 8.84 1.86
C TYR A 169 -3.49 9.02 3.13
N MET A 170 -2.85 10.16 3.27
CA MET A 170 -2.08 10.43 4.47
C MET A 170 -2.99 10.93 5.58
N SER A 171 -2.63 10.57 6.80
CA SER A 171 -3.47 10.85 7.95
C SER A 171 -3.37 12.31 8.35
N PRO A 172 -4.37 12.80 9.09
CA PRO A 172 -4.35 14.19 9.51
C PRO A 172 -3.04 14.49 10.18
N GLU A 173 -2.56 13.55 10.99
CA GLU A 173 -1.40 13.87 11.81
C GLU A 173 -0.11 13.80 11.02
N ARG A 174 -0.07 12.95 10.00
CA ARG A 174 1.11 12.87 9.16
C ARG A 174 1.16 14.07 8.24
N LEU A 175 -0.01 14.52 7.81
CA LEU A 175 -0.09 15.73 7.02
C LEU A 175 0.38 16.93 7.83
N GLN A 176 0.13 16.92 9.14
CA GLN A 176 0.38 18.12 9.95
C GLN A 176 1.81 18.29 10.46
N GLY A 177 2.52 17.19 10.67
CA GLY A 177 3.87 17.27 11.19
C GLY A 177 4.57 15.93 11.12
N THR A 178 5.69 15.82 11.83
CA THR A 178 6.42 14.55 11.90
C THR A 178 5.98 13.72 13.11
N HIS A 179 4.95 14.18 13.81
CA HIS A 179 4.45 13.47 14.99
C HIS A 179 3.45 12.38 14.57
N TYR A 180 3.94 11.35 13.89
CA TYR A 180 3.07 10.27 13.48
C TYR A 180 3.78 8.92 13.57
N SER A 181 3.03 7.84 13.37
CA SER A 181 3.61 6.52 13.40
C SER A 181 2.67 5.43 12.87
N VAL A 182 2.81 4.23 13.43
CA VAL A 182 2.13 3.09 12.84
C VAL A 182 0.64 3.35 12.77
N GLN A 183 0.12 4.15 13.69
CA GLN A 183 -1.31 4.44 13.72
C GLN A 183 -1.73 5.10 12.43
N SER A 184 -0.78 5.78 11.79
CA SER A 184 -1.07 6.45 10.53
C SER A 184 -1.55 5.50 9.41
N ASP A 185 -1.06 4.26 9.40
CA ASP A 185 -1.45 3.31 8.37
C ASP A 185 -2.93 3.00 8.48
N ILE A 186 -3.46 3.00 9.72
CA ILE A 186 -4.84 2.60 9.96
C ILE A 186 -5.77 3.55 9.26
N TRP A 187 -5.44 4.85 9.34
CA TRP A 187 -6.23 5.89 8.67
C TRP A 187 -6.22 5.62 7.17
N SER A 188 -5.05 5.28 6.63
CA SER A 188 -4.96 5.00 5.21
C SER A 188 -5.94 3.89 4.84
N MET A 189 -5.84 2.78 5.55
CA MET A 189 -6.74 1.65 5.29
C MET A 189 -8.18 2.12 5.36
N GLY A 190 -8.51 2.85 6.42
CA GLY A 190 -9.85 3.37 6.56
C GLY A 190 -10.31 4.04 5.28
N LEU A 191 -9.52 5.02 4.85
CA LEU A 191 -9.81 5.80 3.65
C LEU A 191 -9.89 4.90 2.41
N SER A 192 -8.97 3.94 2.31
CA SER A 192 -8.98 3.06 1.13
C SER A 192 -10.25 2.21 1.05
N LEU A 193 -10.66 1.60 2.16
CA LEU A 193 -11.89 0.80 2.15
C LEU A 193 -13.12 1.67 1.88
N VAL A 194 -13.07 2.93 2.30
CA VAL A 194 -14.19 3.81 1.98
C VAL A 194 -14.19 4.08 0.48
N GLU A 195 -13.01 4.33 -0.08
CA GLU A 195 -12.94 4.61 -1.51
C GLU A 195 -13.52 3.44 -2.27
N MET A 196 -13.04 2.24 -1.96
CA MET A 196 -13.41 1.07 -2.73
C MET A 196 -14.90 0.72 -2.58
N ALA A 197 -15.43 0.99 -1.39
CA ALA A 197 -16.86 0.81 -1.12
C ALA A 197 -17.73 1.67 -2.04
N VAL A 198 -17.44 2.96 -2.12
CA VAL A 198 -18.34 3.84 -2.85
C VAL A 198 -17.94 4.03 -4.32
N GLY A 199 -16.72 3.65 -4.65
CA GLY A 199 -16.26 3.71 -6.04
C GLY A 199 -15.59 5.02 -6.42
N ARG A 200 -15.46 5.92 -5.45
CA ARG A 200 -14.95 7.29 -5.67
C ARG A 200 -14.05 7.68 -4.51
N TYR A 201 -13.07 8.55 -4.74
CA TYR A 201 -12.27 9.06 -3.61
C TYR A 201 -13.22 9.85 -2.73
N PRO A 202 -13.28 9.48 -1.44
CA PRO A 202 -14.36 9.92 -0.54
C PRO A 202 -14.19 11.33 0.01
N ILE A 203 -13.28 12.10 -0.57
CA ILE A 203 -13.14 13.50 -0.20
C ILE A 203 -13.12 14.39 -1.45
N PRO A 204 -14.02 15.37 -1.51
CA PRO A 204 -15.01 15.67 -0.49
C PRO A 204 -16.16 14.68 -0.63
N PRO A 205 -16.97 14.55 0.43
CA PRO A 205 -18.14 13.67 0.45
C PRO A 205 -18.98 13.78 -0.82
N PRO A 206 -19.76 12.73 -1.11
CA PRO A 206 -20.54 12.71 -2.35
C PRO A 206 -21.81 13.57 -2.29
N PRO A 247 -14.03 18.10 -8.36
CA PRO A 247 -12.74 18.67 -8.73
C PRO A 247 -12.22 19.62 -7.64
N MET A 248 -11.21 19.19 -6.90
CA MET A 248 -10.77 19.92 -5.71
C MET A 248 -9.25 20.16 -5.63
N ALA A 249 -8.86 21.42 -5.43
CA ALA A 249 -7.44 21.78 -5.41
C ALA A 249 -6.70 21.36 -4.15
N ILE A 250 -5.38 21.28 -4.26
CA ILE A 250 -4.51 20.75 -3.21
C ILE A 250 -4.75 21.20 -1.79
N PHE A 251 -5.03 22.48 -1.59
CA PHE A 251 -5.18 22.96 -0.23
C PHE A 251 -6.62 22.69 0.19
N GLU A 252 -7.56 23.13 -0.63
CA GLU A 252 -8.91 22.72 -0.38
C GLU A 252 -8.85 21.29 0.19
N LEU A 253 -8.32 20.36 -0.62
CA LEU A 253 -8.26 18.94 -0.27
C LEU A 253 -7.59 18.74 1.08
N LEU A 254 -6.30 19.08 1.15
CA LEU A 254 -5.52 18.83 2.34
C LEU A 254 -6.13 19.46 3.57
N ASP A 255 -6.84 20.57 3.38
CA ASP A 255 -7.42 21.30 4.50
C ASP A 255 -8.68 20.59 4.97
N TYR A 256 -9.39 20.00 4.02
CA TYR A 256 -10.55 19.23 4.36
C TYR A 256 -10.18 18.08 5.29
N ILE A 257 -9.18 17.27 4.90
CA ILE A 257 -8.88 16.08 5.67
C ILE A 257 -8.35 16.40 7.07
N VAL A 258 -7.78 17.59 7.27
CA VAL A 258 -7.25 17.91 8.59
C VAL A 258 -8.21 18.72 9.45
N ASN A 259 -9.07 19.52 8.83
CA ASN A 259 -9.94 20.39 9.61
C ASN A 259 -11.41 20.01 9.57
N GLU A 260 -11.83 19.36 8.50
CA GLU A 260 -13.21 18.97 8.37
C GLU A 260 -13.41 17.57 8.93
N PRO A 261 -14.67 17.24 9.30
CA PRO A 261 -14.93 15.93 9.89
C PRO A 261 -14.57 14.82 8.91
N PRO A 262 -14.15 13.65 9.44
CA PRO A 262 -13.78 12.49 8.63
C PRO A 262 -14.89 12.01 7.72
N PRO A 263 -14.51 11.33 6.64
CA PRO A 263 -15.52 10.72 5.78
C PRO A 263 -16.19 9.57 6.51
N LYS A 264 -17.46 9.34 6.20
CA LYS A 264 -18.19 8.23 6.77
C LYS A 264 -18.70 7.38 5.63
N LEU A 265 -19.13 6.17 5.94
CA LEU A 265 -19.75 5.34 4.94
C LEU A 265 -21.22 5.75 4.76
N PRO A 266 -21.70 5.74 3.52
CA PRO A 266 -23.12 5.94 3.24
C PRO A 266 -23.93 5.10 4.20
N SER A 267 -25.14 5.54 4.53
CA SER A 267 -25.94 4.80 5.51
C SER A 267 -27.00 3.91 4.88
N GLY A 268 -27.38 2.85 5.59
CA GLY A 268 -28.40 1.91 5.12
C GLY A 268 -27.92 0.95 4.05
N VAL A 269 -26.96 1.40 3.24
CA VAL A 269 -26.44 0.60 2.13
C VAL A 269 -25.28 -0.31 2.58
N PHE A 270 -24.79 -0.10 3.80
CA PHE A 270 -23.70 -0.92 4.34
C PHE A 270 -24.02 -1.37 5.76
N SER A 271 -23.60 -2.57 6.12
CA SER A 271 -23.89 -3.10 7.44
C SER A 271 -23.38 -2.16 8.53
N LEU A 272 -24.04 -2.15 9.68
CA LEU A 272 -23.64 -1.30 10.80
C LEU A 272 -22.23 -1.67 11.25
N GLU A 273 -21.84 -2.92 11.01
CA GLU A 273 -20.53 -3.43 11.42
C GLU A 273 -19.39 -2.93 10.55
N PHE A 274 -19.63 -2.85 9.25
CA PHE A 274 -18.71 -2.20 8.33
C PHE A 274 -18.53 -0.72 8.71
N GLN A 275 -19.65 -0.05 8.93
CA GLN A 275 -19.62 1.33 9.38
C GLN A 275 -18.72 1.51 10.59
N ASP A 276 -19.01 0.82 11.69
CA ASP A 276 -18.23 1.04 12.91
C ASP A 276 -16.73 0.81 12.68
N PHE A 277 -16.42 -0.11 11.77
CA PHE A 277 -15.03 -0.50 11.50
C PHE A 277 -14.28 0.66 10.85
N VAL A 278 -14.79 1.10 9.72
CA VAL A 278 -14.29 2.28 9.05
C VAL A 278 -14.24 3.47 10.00
N ASN A 279 -15.33 3.69 10.73
CA ASN A 279 -15.39 4.83 11.63
C ASN A 279 -14.26 4.80 12.64
N LYS A 280 -13.85 3.61 13.06
CA LYS A 280 -12.83 3.52 14.11
C LYS A 280 -11.42 3.69 13.55
N CYS A 281 -11.32 3.57 12.23
CA CYS A 281 -10.07 3.82 11.53
C CYS A 281 -9.90 5.31 11.27
N LEU A 282 -10.99 5.97 10.90
CA LEU A 282 -10.94 7.34 10.43
C LEU A 282 -11.09 8.39 11.53
N ILE A 283 -10.76 8.03 12.75
CA ILE A 283 -10.86 8.99 13.81
C ILE A 283 -9.65 9.89 13.75
N LYS A 284 -9.86 11.18 13.54
CA LYS A 284 -8.76 12.12 13.43
C LYS A 284 -7.64 11.80 14.41
N ASN A 285 -7.98 11.62 15.68
CA ASN A 285 -6.97 11.46 16.73
C ASN A 285 -6.25 10.11 16.66
N PRO A 286 -4.93 10.16 16.52
CA PRO A 286 -4.12 8.95 16.48
C PRO A 286 -4.31 8.03 17.69
N ALA A 287 -4.33 8.60 18.90
CA ALA A 287 -4.43 7.78 20.13
C ALA A 287 -5.80 7.18 20.30
N GLU A 288 -6.85 7.97 19.99
CA GLU A 288 -8.21 7.48 20.06
C GLU A 288 -8.50 6.46 18.95
N ARG A 289 -7.94 6.69 17.77
CA ARG A 289 -8.13 5.81 16.61
C ARG A 289 -7.82 4.36 16.96
N ALA A 290 -8.58 3.43 16.38
CA ALA A 290 -8.36 1.99 16.61
C ALA A 290 -6.92 1.58 16.30
N ASP A 291 -6.34 0.75 17.15
CA ASP A 291 -5.03 0.19 16.80
C ASP A 291 -5.26 -1.20 16.22
N LEU A 292 -4.16 -1.87 15.91
CA LEU A 292 -4.16 -3.07 15.08
C LEU A 292 -4.75 -4.27 15.85
N LYS A 293 -4.46 -4.35 17.15
CA LYS A 293 -5.04 -5.37 18.00
C LYS A 293 -6.56 -5.27 18.02
N GLN A 294 -7.07 -4.05 18.23
CA GLN A 294 -8.51 -3.86 18.38
C GLN A 294 -9.30 -4.23 17.15
N LEU A 295 -8.76 -3.89 15.98
CA LEU A 295 -9.42 -4.22 14.72
C LEU A 295 -9.41 -5.73 14.42
N MET A 296 -8.42 -6.45 14.94
CA MET A 296 -8.34 -7.91 14.73
C MET A 296 -9.54 -8.62 15.35
N VAL A 297 -10.03 -8.09 16.46
CA VAL A 297 -11.16 -8.70 17.16
C VAL A 297 -12.43 -7.85 17.02
N HIS A 298 -12.52 -7.07 15.95
CA HIS A 298 -13.69 -6.22 15.72
C HIS A 298 -14.79 -7.08 15.14
N ALA A 299 -16.03 -6.63 15.27
CA ALA A 299 -17.15 -7.40 14.78
C ALA A 299 -17.08 -7.70 13.27
N PHE A 300 -16.78 -6.67 12.47
CA PHE A 300 -16.78 -6.78 11.01
C PHE A 300 -15.88 -7.90 10.48
N ILE A 301 -14.66 -8.00 11.00
CA ILE A 301 -13.77 -9.06 10.54
C ILE A 301 -14.19 -10.42 11.13
N LYS A 302 -14.65 -10.41 12.39
CA LYS A 302 -15.22 -11.63 12.97
C LYS A 302 -16.30 -12.17 12.03
N ARG A 303 -17.24 -11.33 11.62
CA ARG A 303 -18.22 -11.78 10.63
C ARG A 303 -17.51 -12.25 9.35
N SER A 304 -16.37 -11.66 9.05
CA SER A 304 -15.62 -12.07 7.89
C SER A 304 -14.60 -13.13 8.31
MG MG B . 2.99 0.80 -5.44
PG ATP C . 2.37 5.89 -6.57
O1G ATP C . 3.81 5.52 -6.83
O2G ATP C . 1.87 7.12 -7.28
O3G ATP C . 2.01 5.79 -5.11
PB ATP C . 1.74 3.28 -7.60
O1B ATP C . 2.08 2.59 -6.29
O2B ATP C . 0.62 2.83 -8.49
O3B ATP C . 1.40 4.82 -7.29
PA ATP C . 3.95 1.97 -8.45
O1A ATP C . 5.12 2.10 -9.38
O2A ATP C . 4.20 1.59 -7.01
O3A ATP C . 3.11 3.34 -8.43
O5' ATP C . 2.80 1.06 -9.09
C5' ATP C . 3.00 0.29 -10.29
C4' ATP C . 1.68 -0.20 -10.84
O4' ATP C . 1.92 -1.46 -11.47
C3' ATP C . 0.61 -0.42 -9.77
O3' ATP C . -0.46 0.50 -9.97
C2' ATP C . 0.10 -1.82 -10.02
O2' ATP C . -1.04 -1.70 -10.86
C1' ATP C . 1.18 -2.50 -10.83
N9 ATP C . 2.08 -3.30 -9.98
C8 ATP C . 3.01 -2.85 -9.13
N7 ATP C . 3.66 -3.88 -8.51
C5 ATP C . 3.14 -5.03 -8.98
C6 ATP C . 3.33 -6.50 -8.77
N6 ATP C . 4.25 -7.00 -7.90
N1 ATP C . 2.54 -7.35 -9.48
C2 ATP C . 1.61 -6.91 -10.35
N3 ATP C . 1.39 -5.62 -10.59
C4 ATP C . 2.10 -4.64 -9.96
N1 1CX D . 9.34 -0.73 -2.54
C4 1CX D . 8.86 -2.44 -0.89
C5 1CX D . 8.45 -3.74 -0.67
C6 1CX D . 8.16 -4.61 -1.71
C7 1CX D . 8.92 1.54 -1.89
C8 1CX D . 9.18 2.54 -0.99
C10 1CX D . 10.61 1.08 0.22
C13 1CX D . 8.03 1.83 -3.03
C15 1CX D . 6.53 4.11 -6.39
C1 1CX D . 8.27 -4.11 -2.98
C2 1CX D . 8.68 -2.83 -3.19
C3 1CX D . 8.98 -1.97 -2.17
I1 1CX D . 7.55 -6.55 -1.48
C9 1CX D . 10.02 2.30 0.07
C11 1CX D . 10.33 0.11 -0.69
C12 1CX D . 9.51 0.31 -1.72
F1 1CX D . 11.42 0.84 1.23
F2 1CX D . 10.84 -1.09 -0.64
F3 1CX D . 8.79 -2.41 -4.41
O1 1CX D . 7.94 1.08 -3.95
N2 1CX D . 7.36 2.93 -3.11
O2 1CX D . 6.62 3.08 -4.22
C14 1CX D . 6.59 4.32 -4.89
O3 1CX D . 7.81 3.73 -6.86
#